data_9JIS
#
_entry.id   9JIS
#
_cell.length_a   43.113
_cell.length_b   84.561
_cell.length_c   63.552
_cell.angle_alpha   90.00
_cell.angle_beta   90.00
_cell.angle_gamma   90.00
#
_symmetry.space_group_name_H-M   'P 21 21 2'
#
loop_
_entity.id
_entity.type
_entity.pdbx_description
1 polymer Transthyretin
2 non-polymer Aclonifen
3 non-polymer 'SODIUM ION'
4 water water
#
_entity_poly.entity_id   1
_entity_poly.type   'polypeptide(L)'
_entity_poly.pdbx_seq_one_letter_code
;MRGSHHHHHHGSMASHRLLLLCLAGLVFVSEAGPTGTGESKCPLMVKVLDAVRGSPAINVAMHVFRKAADDTWEPFASGK
TSESGELHGLTTEEEFVEGIYKVEIDTKSYWKALGISPFHEHAEVVFTANDSGPRRYTIAALLSPYSYSTTAVVTNPKE
;
_entity_poly.pdbx_strand_id   A,B
#
# COMPACT_ATOMS: atom_id res chain seq x y z
N CYS A 42 -5.13 22.93 -6.52
CA CYS A 42 -4.25 21.80 -6.22
C CYS A 42 -5.09 20.61 -5.78
N PRO A 43 -5.62 19.84 -6.74
CA PRO A 43 -6.54 18.76 -6.39
C PRO A 43 -5.88 17.50 -5.84
N LEU A 44 -4.55 17.37 -5.93
CA LEU A 44 -3.87 16.19 -5.40
C LEU A 44 -2.55 16.62 -4.76
N MET A 45 -2.40 16.32 -3.47
CA MET A 45 -1.17 16.62 -2.74
C MET A 45 -0.80 15.38 -1.94
N VAL A 46 0.50 15.13 -1.81
CA VAL A 46 1.00 13.99 -1.05
C VAL A 46 1.97 14.49 0.00
N LYS A 47 1.81 14.02 1.23
CA LYS A 47 2.65 14.41 2.35
C LYS A 47 3.22 13.16 2.99
N VAL A 48 4.52 13.17 3.25
CA VAL A 48 5.23 11.98 3.74
C VAL A 48 6.03 12.35 4.97
N LEU A 49 5.88 11.56 6.04
CA LEU A 49 6.57 11.79 7.30
C LEU A 49 7.43 10.59 7.66
N ASP A 50 8.49 10.86 8.42
CA ASP A 50 9.48 9.86 8.82
C ASP A 50 9.29 9.60 10.31
N ALA A 51 8.87 8.37 10.64
CA ALA A 51 8.59 7.99 12.02
C ALA A 51 9.83 7.59 12.81
N VAL A 52 10.98 7.43 12.17
CA VAL A 52 12.22 7.13 12.86
C VAL A 52 12.89 8.40 13.35
N ARG A 53 12.94 9.41 12.49
CA ARG A 53 13.65 10.64 12.77
C ARG A 53 12.74 11.76 13.28
N GLY A 54 11.43 11.62 13.17
CA GLY A 54 10.51 12.66 13.60
C GLY A 54 10.65 13.90 12.73
N SER A 55 10.55 13.70 11.43
CA SER A 55 10.81 14.79 10.49
C SER A 55 9.93 14.56 9.27
N PRO A 56 9.75 15.58 8.43
CA PRO A 56 9.25 15.31 7.10
C PRO A 56 10.19 14.34 6.40
N ALA A 57 9.63 13.54 5.49
CA ALA A 57 10.45 12.69 4.65
C ALA A 57 10.76 13.48 3.38
N ILE A 58 11.99 13.97 3.27
CA ILE A 58 12.41 14.91 2.25
C ILE A 58 13.00 14.15 1.06
N ASN A 59 12.77 14.67 -0.14
CA ASN A 59 13.35 14.12 -1.37
CA ASN A 59 13.35 14.12 -1.36
C ASN A 59 12.89 12.69 -1.63
N VAL A 60 11.66 12.39 -1.27
CA VAL A 60 11.06 11.08 -1.54
C VAL A 60 10.43 11.14 -2.93
N ALA A 61 10.85 10.24 -3.81
CA ALA A 61 10.27 10.20 -5.16
C ALA A 61 8.97 9.42 -5.15
N MET A 62 8.05 9.83 -6.01
CA MET A 62 6.83 9.05 -6.21
C MET A 62 6.31 9.21 -7.63
N HIS A 63 5.63 8.18 -8.10
CA HIS A 63 5.01 8.18 -9.41
C HIS A 63 3.52 7.94 -9.25
N VAL A 64 2.72 8.69 -10.01
CA VAL A 64 1.26 8.53 -10.01
C VAL A 64 0.86 7.93 -11.34
N PHE A 65 -0.04 6.95 -11.29
CA PHE A 65 -0.53 6.27 -12.48
C PHE A 65 -2.05 6.35 -12.48
N ARG A 66 -2.63 6.22 -13.67
CA ARG A 66 -4.07 6.18 -13.82
C ARG A 66 -4.44 4.98 -14.68
N LYS A 67 -5.49 4.27 -14.28
CA LYS A 67 -5.88 3.06 -15.00
C LYS A 67 -6.50 3.42 -16.34
N ALA A 68 -5.96 2.85 -17.41
CA ALA A 68 -6.46 3.12 -18.75
C ALA A 68 -7.66 2.24 -19.06
N ALA A 69 -8.28 2.50 -20.21
CA ALA A 69 -9.44 1.74 -20.63
C ALA A 69 -9.12 0.25 -20.78
N ASP A 70 -7.88 -0.07 -21.15
CA ASP A 70 -7.47 -1.47 -21.29
C ASP A 70 -7.00 -2.09 -19.98
N ASP A 71 -7.25 -1.44 -18.84
CA ASP A 71 -6.91 -1.91 -17.50
C ASP A 71 -5.42 -1.89 -17.18
N THR A 72 -4.60 -1.26 -18.01
CA THR A 72 -3.20 -1.09 -17.65
C THR A 72 -2.99 0.25 -16.96
N TRP A 73 -1.86 0.36 -16.26
CA TRP A 73 -1.51 1.59 -15.54
C TRP A 73 -0.76 2.52 -16.49
N GLU A 74 -1.33 3.71 -16.71
CA GLU A 74 -0.64 4.67 -17.54
C GLU A 74 0.02 5.74 -16.68
N PRO A 75 1.20 6.24 -17.06
CA PRO A 75 1.83 7.32 -16.30
C PRO A 75 0.94 8.55 -16.26
N PHE A 76 0.82 9.13 -15.07
CA PHE A 76 -0.02 10.31 -14.88
C PHE A 76 0.77 11.52 -14.41
N ALA A 77 1.63 11.37 -13.42
CA ALA A 77 2.46 12.46 -12.93
C ALA A 77 3.52 11.86 -12.01
N SER A 78 4.55 12.65 -11.72
CA SER A 78 5.56 12.23 -10.76
C SER A 78 6.22 13.46 -10.15
N GLY A 79 6.95 13.23 -9.06
CA GLY A 79 7.67 14.31 -8.42
C GLY A 79 8.36 13.80 -7.17
N LYS A 80 8.95 14.73 -6.42
CA LYS A 80 9.58 14.38 -5.16
C LYS A 80 9.17 15.37 -4.08
N THR A 81 9.12 14.88 -2.84
CA THR A 81 8.72 15.74 -1.73
C THR A 81 9.77 16.82 -1.46
N SER A 82 9.28 17.96 -0.99
CA SER A 82 10.10 19.12 -0.66
C SER A 82 10.66 18.97 0.76
N GLU A 83 11.29 20.04 1.25
CA GLU A 83 11.82 20.05 2.60
C GLU A 83 10.74 19.94 3.66
N SER A 84 9.48 20.22 3.30
CA SER A 84 8.35 20.05 4.19
C SER A 84 7.74 18.66 4.11
N GLY A 85 8.31 17.79 3.27
CA GLY A 85 7.73 16.47 3.08
C GLY A 85 6.52 16.46 2.18
N GLU A 86 6.23 17.56 1.49
CA GLU A 86 5.02 17.66 0.68
C GLU A 86 5.37 17.72 -0.80
N LEU A 87 4.48 17.17 -1.62
CA LEU A 87 4.59 17.25 -3.07
C LEU A 87 3.31 17.89 -3.57
N HIS A 88 3.45 19.13 -4.08
CA HIS A 88 2.36 19.92 -4.61
C HIS A 88 2.48 20.00 -6.13
N GLY A 89 1.40 20.42 -6.77
CA GLY A 89 1.44 20.70 -8.19
C GLY A 89 1.48 19.51 -9.11
N LEU A 90 1.10 18.32 -8.64
CA LEU A 90 1.14 17.13 -9.50
C LEU A 90 0.19 17.24 -10.68
N THR A 91 -0.95 17.90 -10.51
CA THR A 91 -1.98 17.91 -11.55
C THR A 91 -2.82 19.17 -11.43
N THR A 92 -3.83 19.26 -12.30
CA THR A 92 -4.76 20.38 -12.36
C THR A 92 -6.17 19.83 -12.30
N GLU A 93 -7.12 20.72 -12.04
CA GLU A 93 -8.53 20.31 -11.99
C GLU A 93 -8.97 19.74 -13.33
N GLU A 94 -8.49 20.31 -14.43
CA GLU A 94 -8.93 19.85 -15.75
C GLU A 94 -8.37 18.47 -16.06
N GLU A 95 -7.13 18.22 -15.66
CA GLU A 95 -6.46 16.96 -16.01
C GLU A 95 -6.89 15.83 -15.10
N PHE A 96 -7.26 16.14 -13.86
CA PHE A 96 -7.53 15.14 -12.83
C PHE A 96 -8.99 14.70 -12.90
N VAL A 97 -9.28 13.93 -13.94
CA VAL A 97 -10.62 13.43 -14.23
C VAL A 97 -10.95 12.22 -13.37
N GLU A 98 -12.20 11.76 -13.42
CA GLU A 98 -12.57 10.48 -12.81
C GLU A 98 -11.60 9.40 -13.23
N GLY A 99 -11.31 8.50 -12.30
CA GLY A 99 -10.55 7.32 -12.66
C GLY A 99 -10.02 6.63 -11.42
N ILE A 100 -9.32 5.54 -11.66
CA ILE A 100 -8.60 4.84 -10.61
C ILE A 100 -7.15 5.25 -10.71
N TYR A 101 -6.61 5.76 -9.60
CA TYR A 101 -5.25 6.28 -9.55
C TYR A 101 -4.43 5.47 -8.57
N LYS A 102 -3.15 5.38 -8.85
CA LYS A 102 -2.19 4.71 -7.98
C LYS A 102 -1.03 5.66 -7.71
N VAL A 103 -0.73 5.88 -6.44
CA VAL A 103 0.47 6.62 -6.04
C VAL A 103 1.46 5.61 -5.52
N GLU A 104 2.64 5.53 -6.14
CA GLU A 104 3.69 4.59 -5.75
C GLU A 104 4.84 5.42 -5.17
N ILE A 105 5.03 5.34 -3.86
CA ILE A 105 6.02 6.14 -3.15
C ILE A 105 7.29 5.32 -2.99
N ASP A 106 8.42 5.84 -3.48
CA ASP A 106 9.68 5.10 -3.44
C ASP A 106 10.31 5.18 -2.04
N THR A 107 9.70 4.44 -1.11
CA THR A 107 10.20 4.37 0.25
C THR A 107 11.52 3.60 0.33
N LYS A 108 11.75 2.64 -0.57
CA LYS A 108 12.96 1.83 -0.49
C LYS A 108 14.21 2.68 -0.67
N SER A 109 14.23 3.54 -1.68
CA SER A 109 15.39 4.41 -1.89
C SER A 109 15.60 5.36 -0.72
N TYR A 110 14.49 5.83 -0.12
CA TYR A 110 14.59 6.72 1.02
C TYR A 110 15.33 6.06 2.17
N TRP A 111 14.92 4.85 2.54
CA TRP A 111 15.56 4.18 3.68
C TRP A 111 16.99 3.79 3.36
N LYS A 112 17.23 3.31 2.14
CA LYS A 112 18.57 2.88 1.78
C LYS A 112 19.57 4.02 1.87
N ALA A 113 19.15 5.23 1.49
CA ALA A 113 20.04 6.38 1.57
C ALA A 113 20.37 6.76 3.02
N LEU A 114 19.51 6.38 3.96
CA LEU A 114 19.79 6.57 5.38
C LEU A 114 20.50 5.39 6.00
N GLY A 115 20.92 4.42 5.19
CA GLY A 115 21.62 3.25 5.70
C GLY A 115 20.72 2.19 6.30
N ILE A 116 19.43 2.26 6.01
CA ILE A 116 18.45 1.28 6.50
C ILE A 116 18.07 0.37 5.35
N SER A 117 18.02 -0.94 5.64
CA SER A 117 17.50 -1.89 4.67
C SER A 117 16.03 -2.12 4.98
N PRO A 118 15.11 -1.54 4.22
CA PRO A 118 13.70 -1.57 4.60
C PRO A 118 12.99 -2.81 4.05
N PHE A 119 11.76 -3.00 4.53
CA PHE A 119 11.00 -4.18 4.16
C PHE A 119 10.31 -4.02 2.79
N HIS A 120 9.64 -2.89 2.57
CA HIS A 120 8.78 -2.72 1.42
C HIS A 120 9.56 -2.21 0.21
N GLU A 121 9.10 -2.59 -0.98
CA GLU A 121 9.65 -2.00 -2.20
C GLU A 121 9.19 -0.56 -2.36
N HIS A 122 7.96 -0.28 -1.96
CA HIS A 122 7.36 1.04 -2.07
C HIS A 122 6.11 1.01 -1.21
N ALA A 123 5.55 2.19 -0.97
CA ALA A 123 4.24 2.32 -0.36
C ALA A 123 3.28 2.71 -1.46
N GLU A 124 2.18 1.95 -1.59
CA GLU A 124 1.25 2.07 -2.71
C GLU A 124 -0.11 2.51 -2.17
N VAL A 125 -0.73 3.47 -2.84
CA VAL A 125 -2.06 3.96 -2.51
C VAL A 125 -2.90 3.94 -3.78
N VAL A 126 -3.96 3.13 -3.80
CA VAL A 126 -4.80 2.95 -4.99
C VAL A 126 -6.23 3.35 -4.64
N PHE A 127 -6.82 4.26 -5.43
CA PHE A 127 -8.13 4.80 -5.07
C PHE A 127 -8.86 5.31 -6.31
N THR A 128 -10.19 5.26 -6.25
CA THR A 128 -11.01 5.94 -7.23
C THR A 128 -11.15 7.41 -6.85
N ALA A 129 -10.98 8.30 -7.82
CA ALA A 129 -11.06 9.74 -7.57
C ALA A 129 -12.16 10.35 -8.43
N ASN A 130 -12.82 11.36 -7.85
CA ASN A 130 -13.75 12.26 -8.55
C ASN A 130 -15.00 11.56 -9.07
N ASP A 131 -15.33 10.42 -8.44
CA ASP A 131 -16.49 9.62 -8.84
C ASP A 131 -17.80 10.40 -8.74
N SER A 132 -17.88 11.34 -7.80
CA SER A 132 -19.09 12.14 -7.61
C SER A 132 -18.82 13.62 -7.85
N GLY A 133 -17.92 13.92 -8.78
CA GLY A 133 -17.53 15.28 -9.03
C GLY A 133 -16.17 15.59 -8.43
N PRO A 134 -15.62 16.75 -8.77
CA PRO A 134 -14.24 17.06 -8.37
C PRO A 134 -14.13 17.14 -6.86
N ARG A 135 -13.06 16.53 -6.35
CA ARG A 135 -12.67 16.65 -4.95
C ARG A 135 -11.19 16.99 -4.89
N ARG A 136 -10.76 17.46 -3.73
CA ARG A 136 -9.35 17.68 -3.45
C ARG A 136 -8.88 16.57 -2.51
N TYR A 137 -7.73 15.97 -2.85
CA TYR A 137 -7.21 14.81 -2.14
C TYR A 137 -5.86 15.14 -1.56
N THR A 138 -5.69 14.91 -0.25
CA THR A 138 -4.38 14.86 0.37
C THR A 138 -4.13 13.41 0.78
N ILE A 139 -3.08 12.82 0.23
CA ILE A 139 -2.63 11.48 0.61
C ILE A 139 -1.47 11.68 1.55
N ALA A 140 -1.56 11.12 2.75
CA ALA A 140 -0.47 11.21 3.70
C ALA A 140 0.07 9.83 3.99
N ALA A 141 1.38 9.74 4.21
CA ALA A 141 2.03 8.48 4.52
C ALA A 141 3.01 8.70 5.66
N LEU A 142 3.00 7.81 6.63
CA LEU A 142 3.94 7.82 7.76
C LEU A 142 4.81 6.57 7.63
N LEU A 143 6.13 6.76 7.52
CA LEU A 143 7.05 5.70 7.13
C LEU A 143 7.94 5.23 8.28
N SER A 144 8.08 3.92 8.40
CA SER A 144 9.08 3.24 9.22
C SER A 144 9.74 2.16 8.37
N PRO A 145 10.90 1.65 8.78
CA PRO A 145 11.59 0.66 7.93
C PRO A 145 10.76 -0.58 7.62
N TYR A 146 9.95 -1.07 8.57
CA TYR A 146 9.16 -2.27 8.35
C TYR A 146 7.66 -2.00 8.34
N SER A 147 7.24 -0.75 8.24
CA SER A 147 5.82 -0.46 8.36
C SER A 147 5.52 0.86 7.68
N TYR A 148 4.30 0.99 7.18
CA TYR A 148 3.83 2.32 6.81
C TYR A 148 2.34 2.42 7.07
N SER A 149 1.91 3.65 7.31
CA SER A 149 0.50 3.98 7.47
CA SER A 149 0.51 3.99 7.49
C SER A 149 0.16 5.04 6.44
N THR A 150 -1.04 4.94 5.89
CA THR A 150 -1.45 5.93 4.92
C THR A 150 -2.90 6.31 5.17
N THR A 151 -3.22 7.57 4.95
CA THR A 151 -4.58 8.04 5.11
C THR A 151 -4.87 9.05 4.01
N ALA A 152 -6.15 9.37 3.84
CA ALA A 152 -6.56 10.33 2.85
C ALA A 152 -7.47 11.35 3.50
N VAL A 153 -7.29 12.62 3.12
CA VAL A 153 -8.21 13.69 3.47
C VAL A 153 -8.86 14.14 2.17
N VAL A 154 -10.18 13.99 2.08
CA VAL A 154 -10.92 14.29 0.86
C VAL A 154 -11.86 15.43 1.17
N THR A 155 -11.74 16.52 0.40
CA THR A 155 -12.55 17.71 0.65
C THR A 155 -13.26 18.13 -0.62
N ASN A 156 -14.45 18.70 -0.45
CA ASN A 156 -15.25 19.18 -1.57
C ASN A 156 -15.08 20.68 -1.69
N PRO A 157 -14.50 21.19 -2.79
CA PRO A 157 -14.26 22.63 -2.96
C PRO A 157 -15.55 23.39 -3.23
N CYS B 42 4.97 -22.22 8.53
CA CYS B 42 4.17 -21.13 8.00
C CYS B 42 5.06 -20.00 7.48
N PRO B 43 5.58 -20.18 6.26
CA PRO B 43 6.48 -19.15 5.71
C PRO B 43 5.84 -17.80 5.46
N LEU B 44 4.53 -17.75 5.21
CA LEU B 44 3.86 -16.48 4.92
C LEU B 44 2.48 -16.52 5.53
N MET B 45 2.18 -15.57 6.43
CA MET B 45 0.89 -15.45 7.05
C MET B 45 0.48 -13.99 6.98
N VAL B 46 -0.82 -13.73 6.81
CA VAL B 46 -1.36 -12.38 6.78
C VAL B 46 -2.41 -12.27 7.88
N LYS B 47 -2.35 -11.19 8.65
CA LYS B 47 -3.31 -10.95 9.72
C LYS B 47 -3.92 -9.57 9.51
N VAL B 48 -5.24 -9.47 9.61
CA VAL B 48 -5.95 -8.23 9.30
C VAL B 48 -6.88 -7.90 10.46
N LEU B 49 -6.84 -6.63 10.89
CA LEU B 49 -7.65 -6.13 11.99
C LEU B 49 -8.52 -4.96 11.52
N ASP B 50 -9.64 -4.77 12.20
CA ASP B 50 -10.63 -3.75 11.87
C ASP B 50 -10.60 -2.70 12.98
N ALA B 51 -10.20 -1.48 12.63
CA ALA B 51 -10.06 -0.38 13.58
C ALA B 51 -11.36 0.34 13.88
N VAL B 52 -12.42 0.06 13.12
CA VAL B 52 -13.74 0.64 13.38
C VAL B 52 -14.51 -0.18 14.40
N ARG B 53 -14.45 -1.51 14.28
CA ARG B 53 -15.20 -2.42 15.13
C ARG B 53 -14.38 -3.01 16.26
N GLY B 54 -13.06 -2.89 16.23
CA GLY B 54 -12.23 -3.44 17.29
C GLY B 54 -12.26 -4.96 17.26
N SER B 55 -12.00 -5.52 16.10
CA SER B 55 -12.20 -6.95 15.89
C SER B 55 -11.23 -7.41 14.82
N PRO B 56 -11.00 -8.73 14.73
CA PRO B 56 -10.36 -9.25 13.52
C PRO B 56 -11.20 -8.88 12.30
N ALA B 57 -10.55 -8.69 11.16
CA ALA B 57 -11.26 -8.49 9.91
C ALA B 57 -11.44 -9.86 9.26
N ILE B 58 -12.67 -10.36 9.28
CA ILE B 58 -13.00 -11.72 8.89
C ILE B 58 -13.44 -11.75 7.44
N ASN B 59 -13.09 -12.82 6.73
CA ASN B 59 -13.53 -13.02 5.35
C ASN B 59 -12.97 -11.96 4.41
N VAL B 60 -11.77 -11.47 4.70
CA VAL B 60 -11.09 -10.53 3.82
C VAL B 60 -10.33 -11.34 2.77
N ALA B 61 -10.66 -11.10 1.51
CA ALA B 61 -10.03 -11.82 0.41
C ALA B 61 -8.73 -11.13 0.00
N MET B 62 -7.76 -11.94 -0.43
CA MET B 62 -6.52 -11.38 -0.93
C MET B 62 -5.88 -12.36 -1.92
N HIS B 63 -5.13 -11.80 -2.85
CA HIS B 63 -4.28 -12.58 -3.75
C HIS B 63 -2.83 -12.17 -3.52
N VAL B 64 -1.93 -13.13 -3.71
CA VAL B 64 -0.48 -12.90 -3.63
C VAL B 64 0.09 -13.14 -5.02
N PHE B 65 0.93 -12.22 -5.48
CA PHE B 65 1.59 -12.33 -6.76
C PHE B 65 3.10 -12.27 -6.55
N ARG B 66 3.83 -12.79 -7.54
CA ARG B 66 5.28 -12.73 -7.54
C ARG B 66 5.72 -12.12 -8.86
N LYS B 67 6.65 -11.16 -8.80
CA LYS B 67 7.06 -10.44 -9.98
C LYS B 67 7.84 -11.35 -10.93
N ALA B 68 7.43 -11.38 -12.19
CA ALA B 68 8.08 -12.20 -13.20
C ALA B 68 9.23 -11.45 -13.86
N ALA B 69 10.00 -12.19 -14.66
CA ALA B 69 11.18 -11.62 -15.30
C ALA B 69 10.82 -10.46 -16.22
N ASP B 70 9.61 -10.45 -16.78
CA ASP B 70 9.16 -9.36 -17.64
C ASP B 70 8.44 -8.25 -16.88
N ASP B 71 8.60 -8.19 -15.56
CA ASP B 71 8.00 -7.20 -14.67
C ASP B 71 6.48 -7.33 -14.54
N THR B 72 5.88 -8.39 -15.05
CA THR B 72 4.47 -8.64 -14.80
C THR B 72 4.30 -9.40 -13.49
N TRP B 73 3.07 -9.40 -12.97
CA TRP B 73 2.77 -10.01 -11.69
C TRP B 73 2.15 -11.39 -11.91
N GLU B 74 2.90 -12.45 -11.56
CA GLU B 74 2.44 -13.82 -11.73
C GLU B 74 1.64 -14.25 -10.50
N PRO B 75 0.49 -14.91 -10.70
CA PRO B 75 -0.26 -15.46 -9.56
C PRO B 75 0.61 -16.39 -8.72
N PHE B 76 0.50 -16.24 -7.40
CA PHE B 76 1.31 -17.06 -6.50
C PHE B 76 0.51 -17.78 -5.42
N ALA B 77 -0.43 -17.11 -4.77
CA ALA B 77 -1.22 -17.71 -3.69
C ALA B 77 -2.45 -16.85 -3.48
N SER B 78 -3.38 -17.36 -2.68
CA SER B 78 -4.54 -16.52 -2.32
C SER B 78 -5.33 -17.19 -1.21
N GLY B 79 -6.32 -16.46 -0.71
CA GLY B 79 -7.21 -16.98 0.32
C GLY B 79 -8.02 -15.87 0.96
N LYS B 80 -8.77 -16.24 2.00
CA LYS B 80 -9.58 -15.31 2.77
C LYS B 80 -9.22 -15.46 4.25
N THR B 81 -9.27 -14.36 5.00
CA THR B 81 -8.99 -14.45 6.42
C THR B 81 -10.06 -15.24 7.15
N SER B 82 -9.63 -15.93 8.20
CA SER B 82 -10.51 -16.75 9.05
C SER B 82 -11.24 -15.87 10.05
N GLU B 83 -11.98 -16.52 10.96
CA GLU B 83 -12.65 -15.78 12.03
C GLU B 83 -11.67 -15.11 12.98
N SER B 84 -10.39 -15.50 12.96
CA SER B 84 -9.37 -14.82 13.74
C SER B 84 -8.73 -13.68 12.97
N GLY B 85 -9.19 -13.41 11.75
CA GLY B 85 -8.55 -12.41 10.92
C GLY B 85 -7.24 -12.85 10.31
N GLU B 86 -6.92 -14.14 10.34
CA GLU B 86 -5.64 -14.63 9.86
C GLU B 86 -5.81 -15.51 8.64
N LEU B 87 -4.80 -15.48 7.77
CA LEU B 87 -4.74 -16.34 6.60
C LEU B 87 -3.41 -17.10 6.64
N HIS B 88 -3.50 -18.40 6.94
CA HIS B 88 -2.37 -19.30 7.02
C HIS B 88 -2.37 -20.21 5.79
N GLY B 89 -1.25 -20.90 5.58
CA GLY B 89 -1.20 -21.92 4.55
C GLY B 89 -1.09 -21.41 3.13
N LEU B 90 -0.61 -20.17 2.94
CA LEU B 90 -0.50 -19.60 1.61
C LEU B 90 0.54 -20.32 0.76
N THR B 91 1.65 -20.75 1.37
CA THR B 91 2.75 -21.33 0.61
C THR B 91 3.50 -22.31 1.51
N THR B 92 4.54 -22.92 0.94
CA THR B 92 5.44 -23.79 1.68
C THR B 92 6.85 -23.22 1.58
N GLU B 93 7.73 -23.67 2.48
CA GLU B 93 9.10 -23.16 2.46
C GLU B 93 9.77 -23.40 1.11
N GLU B 94 9.57 -24.59 0.52
CA GLU B 94 10.28 -24.90 -0.73
C GLU B 94 9.76 -24.09 -1.90
N GLU B 95 8.47 -23.72 -1.91
CA GLU B 95 7.90 -22.94 -2.99
C GLU B 95 8.19 -21.45 -2.87
N PHE B 96 8.47 -20.98 -1.67
CA PHE B 96 8.56 -19.55 -1.37
C PHE B 96 10.04 -19.17 -1.44
N VAL B 97 10.48 -18.78 -2.64
CA VAL B 97 11.89 -18.49 -2.88
C VAL B 97 12.04 -16.99 -3.10
N GLU B 98 13.27 -16.56 -3.38
CA GLU B 98 13.54 -15.15 -3.60
C GLU B 98 12.61 -14.60 -4.68
N GLY B 99 12.11 -13.38 -4.43
CA GLY B 99 11.31 -12.69 -5.39
C GLY B 99 10.77 -11.43 -4.77
N ILE B 100 10.15 -10.62 -5.60
CA ILE B 100 9.34 -9.51 -5.12
C ILE B 100 7.90 -9.99 -5.12
N TYR B 101 7.25 -9.89 -3.97
CA TYR B 101 5.90 -10.37 -3.77
C TYR B 101 4.96 -9.20 -3.50
N LYS B 102 3.72 -9.35 -3.96
CA LYS B 102 2.68 -8.36 -3.74
C LYS B 102 1.49 -9.07 -3.13
N VAL B 103 1.09 -8.62 -1.93
CA VAL B 103 -0.15 -9.06 -1.30
C VAL B 103 -1.18 -7.97 -1.57
N GLU B 104 -2.23 -8.33 -2.31
CA GLU B 104 -3.27 -7.38 -2.69
C GLU B 104 -4.53 -7.76 -1.92
N ILE B 105 -4.88 -6.93 -0.93
CA ILE B 105 -5.95 -7.24 0.03
C ILE B 105 -7.20 -6.48 -0.40
N ASP B 106 -8.30 -7.19 -0.63
CA ASP B 106 -9.52 -6.54 -1.11
C ASP B 106 -10.26 -5.88 0.05
N THR B 107 -9.73 -4.72 0.48
CA THR B 107 -10.35 -3.97 1.56
C THR B 107 -11.66 -3.33 1.13
N LYS B 108 -11.79 -3.01 -0.16
CA LYS B 108 -12.99 -2.32 -0.62
C LYS B 108 -14.22 -3.19 -0.44
N SER B 109 -14.12 -4.48 -0.81
CA SER B 109 -15.26 -5.38 -0.63
C SER B 109 -15.58 -5.58 0.84
N TYR B 110 -14.55 -5.56 1.68
CA TYR B 110 -14.78 -5.71 3.13
C TYR B 110 -15.63 -4.58 3.65
N TRP B 111 -15.26 -3.33 3.35
CA TRP B 111 -16.03 -2.19 3.83
C TRP B 111 -17.41 -2.12 3.19
N LYS B 112 -17.51 -2.43 1.89
CA LYS B 112 -18.82 -2.37 1.25
C LYS B 112 -19.79 -3.38 1.86
N ALA B 113 -19.29 -4.55 2.29
CA ALA B 113 -20.16 -5.51 2.96
C ALA B 113 -20.69 -4.98 4.29
N LEU B 114 -19.94 -4.09 4.93
CA LEU B 114 -20.38 -3.45 6.17
C LEU B 114 -21.21 -2.19 5.91
N GLY B 115 -21.54 -1.91 4.66
CA GLY B 115 -22.29 -0.71 4.32
C GLY B 115 -21.52 0.57 4.49
N ILE B 116 -20.19 0.51 4.42
CA ILE B 116 -19.32 1.65 4.63
C ILE B 116 -18.62 1.95 3.33
N SER B 117 -18.58 3.22 2.94
CA SER B 117 -17.92 3.63 1.71
C SER B 117 -16.44 3.84 1.99
N PRO B 118 -15.53 3.07 1.38
CA PRO B 118 -14.10 3.24 1.66
C PRO B 118 -13.36 4.10 0.64
N PHE B 119 -12.13 4.46 1.00
CA PHE B 119 -11.30 5.25 0.10
C PHE B 119 -10.53 4.37 -0.89
N HIS B 120 -9.86 3.33 -0.42
CA HIS B 120 -8.91 2.59 -1.24
C HIS B 120 -9.60 1.51 -2.05
N GLU B 121 -9.06 1.25 -3.24
CA GLU B 121 -9.52 0.09 -4.01
C GLU B 121 -9.09 -1.20 -3.33
N HIS B 122 -7.90 -1.21 -2.76
CA HIS B 122 -7.35 -2.37 -2.07
C HIS B 122 -6.16 -1.86 -1.28
N ALA B 123 -5.64 -2.72 -0.41
CA ALA B 123 -4.40 -2.44 0.29
C ALA B 123 -3.34 -3.36 -0.29
N GLU B 124 -2.25 -2.78 -0.78
CA GLU B 124 -1.18 -3.54 -1.41
C GLU B 124 0.05 -3.50 -0.53
N VAL B 125 0.72 -4.64 -0.42
CA VAL B 125 1.96 -4.76 0.33
C VAL B 125 2.97 -5.42 -0.59
N VAL B 126 4.01 -4.69 -0.98
CA VAL B 126 5.00 -5.16 -1.94
C VAL B 126 6.35 -5.21 -1.26
N PHE B 127 7.02 -6.37 -1.34
CA PHE B 127 8.25 -6.59 -0.58
C PHE B 127 9.08 -7.67 -1.24
N THR B 128 10.40 -7.54 -1.10
CA THR B 128 11.31 -8.63 -1.46
C THR B 128 11.35 -9.64 -0.32
N ALA B 129 11.26 -10.92 -0.65
CA ALA B 129 11.31 -11.99 0.34
C ALA B 129 12.36 -13.01 -0.08
N ASN B 130 12.97 -13.64 0.94
CA ASN B 130 13.86 -14.78 0.80
C ASN B 130 15.16 -14.47 0.09
N ASP B 131 15.55 -13.18 0.02
CA ASP B 131 16.78 -12.83 -0.68
C ASP B 131 18.01 -13.34 0.06
N SER B 132 17.91 -13.53 1.38
CA SER B 132 18.98 -14.13 2.16
C SER B 132 18.62 -15.55 2.61
N GLY B 133 17.88 -16.27 1.77
CA GLY B 133 17.38 -17.57 2.11
C GLY B 133 16.06 -17.48 2.84
N PRO B 134 15.48 -18.63 3.18
CA PRO B 134 14.14 -18.64 3.78
C PRO B 134 14.05 -17.76 5.03
N ARG B 135 12.92 -17.07 5.14
CA ARG B 135 12.50 -16.44 6.38
C ARG B 135 11.02 -16.72 6.54
N ARG B 136 10.51 -16.49 7.74
CA ARG B 136 9.08 -16.55 8.02
C ARG B 136 8.56 -15.12 8.09
N TYR B 137 7.48 -14.86 7.37
CA TYR B 137 6.94 -13.52 7.22
C TYR B 137 5.52 -13.48 7.74
N THR B 138 5.25 -12.52 8.63
CA THR B 138 3.88 -12.14 8.97
C THR B 138 3.64 -10.74 8.46
N ILE B 139 2.64 -10.59 7.59
CA ILE B 139 2.20 -9.29 7.11
C ILE B 139 0.95 -8.96 7.89
N ALA B 140 0.94 -7.83 8.57
CA ALA B 140 -0.24 -7.41 9.31
C ALA B 140 -0.77 -6.10 8.74
N ALA B 141 -2.09 -5.95 8.78
CA ALA B 141 -2.73 -4.73 8.31
C ALA B 141 -3.85 -4.35 9.27
N LEU B 142 -3.95 -3.06 9.56
CA LEU B 142 -5.00 -2.50 10.39
C LEU B 142 -5.81 -1.56 9.52
N LEU B 143 -7.10 -1.86 9.35
CA LEU B 143 -7.95 -1.21 8.35
C LEU B 143 -8.92 -0.21 8.98
N SER B 144 -9.00 0.97 8.37
CA SER B 144 -10.07 1.94 8.58
C SER B 144 -10.59 2.34 7.21
N PRO B 145 -11.78 2.96 7.13
CA PRO B 145 -12.35 3.24 5.81
C PRO B 145 -11.48 4.14 4.93
N TYR B 146 -10.78 5.13 5.51
CA TYR B 146 -9.94 6.03 4.73
C TYR B 146 -8.46 5.88 5.03
N SER B 147 -8.07 4.80 5.71
CA SER B 147 -6.67 4.66 6.10
CA SER B 147 -6.67 4.66 6.07
C SER B 147 -6.36 3.18 6.29
N TYR B 148 -5.10 2.83 6.07
CA TYR B 148 -4.64 1.54 6.54
C TYR B 148 -3.19 1.66 6.97
N SER B 149 -2.83 0.81 7.91
CA SER B 149 -1.46 0.67 8.39
CA SER B 149 -1.45 0.67 8.37
CA SER B 149 -1.45 0.68 8.35
C SER B 149 -1.03 -0.77 8.16
N THR B 150 0.22 -0.96 7.78
CA THR B 150 0.72 -2.31 7.57
C THR B 150 2.12 -2.42 8.15
N THR B 151 2.42 -3.57 8.73
CA THR B 151 3.76 -3.84 9.25
C THR B 151 4.12 -5.28 8.93
N ALA B 152 5.39 -5.60 9.10
CA ALA B 152 5.89 -6.93 8.86
C ALA B 152 6.65 -7.41 10.08
N VAL B 153 6.51 -8.69 10.39
CA VAL B 153 7.34 -9.39 11.35
C VAL B 153 8.08 -10.47 10.57
N VAL B 154 9.41 -10.39 10.56
CA VAL B 154 10.25 -11.30 9.79
C VAL B 154 11.14 -12.06 10.78
N THR B 155 11.10 -13.39 10.71
CA THR B 155 11.86 -14.22 11.64
C THR B 155 12.69 -15.25 10.90
N ASN B 156 13.89 -15.52 11.40
CA ASN B 156 14.73 -16.56 10.82
C ASN B 156 14.36 -17.89 11.45
N PRO B 157 13.93 -18.89 10.66
CA PRO B 157 13.48 -20.19 11.17
C PRO B 157 14.59 -20.99 11.86
#